data_5HID
#
_entry.id   5HID
#
_cell.length_a   49.710
_cell.length_b   100.400
_cell.length_c   108.890
_cell.angle_alpha   90.00
_cell.angle_beta   90.00
_cell.angle_gamma   90.00
#
_symmetry.space_group_name_H-M   'P 21 21 21'
#
loop_
_entity.id
_entity.type
_entity.pdbx_description
1 polymer 'Serine/threonine-protein kinase B-raf'
2 non-polymer 3-(2-cyanopropan-2-yl)-N-{4-methyl-3-[(3-methyl-4-oxo-3,4-dihydroquinazolin-6-yl)amino]phenyl}benzamide
3 non-polymer DI(HYDROXYETHYL)ETHER
4 water water
#
_entity_poly.entity_id   1
_entity_poly.type   'polypeptide(L)'
_entity_poly.pdbx_seq_one_letter_code
;MHHHHHGSRDSSDDWEIPDGQITVGQRIGSGSFGTVYKGKWHGDVAVKMLTPQQLQAFKNEVGVLRKTRHVNILLFMGYS
TKPQLAIVTQWCEGSSLYHHLHASETKFEMKKLIDIARQTARGMDYLHAKSIIHRDLKSNNIFLHEDNTVKIGDFGLATV
KSRWSGSHQFEQLSGSILWMAPEVIRMQDSNPYSFQSDVYAFGIVLYELMTGQLPYSNINNRDQIIEMVGRGSLSPDLSK
VRSNCPKRMKRLMAECLKKKRDERPSFPRILAEIEELARELSG
;
_entity_poly.pdbx_strand_id   A,B
#
loop_
_chem_comp.id
_chem_comp.type
_chem_comp.name
_chem_comp.formula
B1E non-polymer 3-(2-cyanopropan-2-yl)-N-{4-methyl-3-[(3-methyl-4-oxo-3,4-dihydroquinazolin-6-yl)amino]phenyl}benzamide 'C27 H25 N5 O2'
PEG non-polymer DI(HYDROXYETHYL)ETHER 'C4 H10 O3'
#
# COMPACT_ATOMS: atom_id res chain seq x y z
N ASP A 14 13.45 -9.69 -11.47
N ASP A 14 12.62 -9.55 -11.88
CA ASP A 14 12.33 -10.51 -11.00
CA ASP A 14 11.68 -10.48 -11.23
C ASP A 14 12.06 -10.28 -9.50
C ASP A 14 11.46 -10.08 -9.76
N TRP A 15 11.16 -11.08 -8.88
CA TRP A 15 10.84 -10.93 -7.45
C TRP A 15 11.74 -11.76 -6.54
N GLU A 16 12.72 -12.50 -7.10
CA GLU A 16 13.64 -13.29 -6.30
C GLU A 16 14.62 -12.38 -5.56
N ILE A 17 14.65 -12.51 -4.22
CA ILE A 17 15.52 -11.71 -3.35
C ILE A 17 16.82 -12.47 -3.09
N PRO A 18 17.99 -11.90 -3.51
CA PRO A 18 19.29 -12.57 -3.26
C PRO A 18 19.62 -12.83 -1.79
N ASP A 19 20.44 -13.85 -1.54
CA ASP A 19 20.89 -14.31 -0.23
C ASP A 19 21.67 -13.21 0.49
N GLY A 20 21.39 -13.04 1.78
CA GLY A 20 22.06 -12.04 2.63
C GLY A 20 21.45 -10.65 2.63
N GLN A 21 20.36 -10.44 1.86
CA GLN A 21 19.69 -9.15 1.82
C GLN A 21 18.73 -8.96 2.97
N ILE A 22 17.95 -9.98 3.30
CA ILE A 22 16.95 -9.94 4.38
C ILE A 22 17.59 -10.20 5.73
N THR A 23 17.30 -9.33 6.70
CA THR A 23 17.78 -9.49 8.07
C THR A 23 16.59 -10.06 8.85
N VAL A 24 16.60 -11.37 9.08
CA VAL A 24 15.55 -12.09 9.80
C VAL A 24 15.68 -11.72 11.29
N GLY A 25 14.62 -11.15 11.83
CA GLY A 25 14.57 -10.74 13.22
C GLY A 25 13.75 -11.67 14.08
N GLN A 26 12.91 -11.09 14.94
CA GLN A 26 12.01 -11.75 15.90
C GLN A 26 11.01 -12.78 15.29
N ARG A 27 10.89 -13.94 15.95
CA ARG A 27 9.97 -15.02 15.58
C ARG A 27 8.57 -14.61 16.10
N ILE A 28 7.61 -14.39 15.18
CA ILE A 28 6.25 -13.94 15.50
C ILE A 28 5.32 -15.11 15.79
N GLY A 29 5.35 -16.10 14.90
CA GLY A 29 4.52 -17.29 15.01
C GLY A 29 5.12 -18.46 14.29
N SER A 30 4.63 -19.65 14.64
CA SER A 30 5.10 -20.91 14.08
C SER A 30 4.04 -22.01 14.17
N GLY A 31 4.19 -22.91 13.24
CA GLY A 31 3.40 -24.08 13.16
C GLY A 31 4.24 -25.13 12.52
N SER A 32 3.62 -26.23 12.20
CA SER A 32 4.25 -27.20 11.37
C SER A 32 4.46 -26.51 10.04
N PHE A 33 5.43 -26.96 9.27
CA PHE A 33 5.59 -26.46 7.93
C PHE A 33 6.17 -25.05 7.85
N GLY A 34 5.55 -24.07 8.50
CA GLY A 34 6.06 -22.71 8.43
C GLY A 34 6.21 -21.83 9.64
N THR A 35 7.19 -20.94 9.59
CA THR A 35 7.47 -19.96 10.64
C THR A 35 7.57 -18.55 10.12
N VAL A 36 6.89 -17.65 10.78
CA VAL A 36 6.90 -16.24 10.36
C VAL A 36 7.81 -15.42 11.29
N TYR A 37 8.52 -14.44 10.68
CA TYR A 37 9.43 -13.54 11.36
C TYR A 37 9.20 -12.10 10.95
N LYS A 38 9.62 -11.15 11.82
CA LYS A 38 9.66 -9.73 11.47
C LYS A 38 11.09 -9.52 10.99
N GLY A 39 11.28 -8.83 9.88
CA GLY A 39 12.62 -8.61 9.34
C GLY A 39 12.91 -7.24 8.76
N LYS A 40 14.11 -7.09 8.21
CA LYS A 40 14.52 -5.85 7.55
C LYS A 40 14.97 -6.12 6.13
N TRP A 41 14.33 -5.40 5.17
CA TRP A 41 14.61 -5.40 3.74
C TRP A 41 13.93 -4.17 3.14
N HIS A 42 14.69 -3.05 3.05
CA HIS A 42 14.28 -1.72 2.56
C HIS A 42 13.13 -1.18 3.41
N GLY A 43 13.23 -1.44 4.72
CA GLY A 43 12.23 -1.10 5.73
C GLY A 43 11.73 -2.34 6.44
N ASP A 44 10.54 -2.23 7.05
CA ASP A 44 9.92 -3.34 7.79
C ASP A 44 9.31 -4.35 6.85
N VAL A 45 9.52 -5.66 7.13
CA VAL A 45 8.95 -6.75 6.33
C VAL A 45 8.57 -7.92 7.24
N ALA A 46 7.75 -8.84 6.69
CA ALA A 46 7.40 -10.09 7.34
C ALA A 46 7.93 -11.18 6.41
N VAL A 47 8.59 -12.17 6.99
CA VAL A 47 9.23 -13.27 6.28
C VAL A 47 8.61 -14.55 6.75
N LYS A 48 8.18 -15.41 5.83
CA LYS A 48 7.60 -16.71 6.15
C LYS A 48 8.55 -17.74 5.60
N MET A 49 9.22 -18.48 6.51
CA MET A 49 10.19 -19.53 6.20
C MET A 49 9.46 -20.84 6.05
N LEU A 50 9.80 -21.61 5.01
CA LEU A 50 9.18 -22.90 4.74
C LEU A 50 10.19 -24.04 4.71
N THR A 51 9.73 -25.25 5.07
CA THR A 51 10.53 -26.48 5.06
C THR A 51 10.87 -26.86 3.59
N PRO A 52 12.05 -27.49 3.31
CA PRO A 52 12.36 -27.84 1.90
C PRO A 52 11.33 -28.75 1.22
N GLN A 53 10.53 -29.42 2.03
CA GLN A 53 9.49 -30.34 1.63
C GLN A 53 8.32 -29.65 1.04
N GLN A 54 8.14 -28.43 1.48
CA GLN A 54 7.01 -27.56 1.13
C GLN A 54 7.23 -26.77 -0.16
N LEU A 55 8.13 -27.24 -1.07
CA LEU A 55 8.49 -26.55 -2.33
C LEU A 55 7.28 -26.25 -3.25
N GLN A 56 6.44 -27.26 -3.52
CA GLN A 56 5.27 -27.08 -4.38
C GLN A 56 4.32 -26.06 -3.80
N ALA A 57 3.99 -26.22 -2.51
CA ALA A 57 3.12 -25.30 -1.77
C ALA A 57 3.66 -23.87 -1.83
N PHE A 58 4.99 -23.71 -1.69
CA PHE A 58 5.71 -22.42 -1.76
C PHE A 58 5.48 -21.76 -3.13
N LYS A 59 5.74 -22.54 -4.22
CA LYS A 59 5.55 -22.13 -5.62
C LYS A 59 4.08 -21.73 -5.88
N ASN A 60 3.12 -22.47 -5.31
CA ASN A 60 1.68 -22.18 -5.49
C ASN A 60 1.30 -20.91 -4.74
N GLU A 61 1.90 -20.68 -3.57
CA GLU A 61 1.62 -19.50 -2.77
C GLU A 61 2.26 -18.26 -3.40
N VAL A 62 3.47 -18.40 -3.96
CA VAL A 62 4.13 -17.27 -4.62
C VAL A 62 3.33 -16.92 -5.89
N GLY A 63 2.91 -17.94 -6.65
CA GLY A 63 2.11 -17.80 -7.88
C GLY A 63 0.82 -17.03 -7.69
N VAL A 64 0.07 -17.31 -6.59
CA VAL A 64 -1.19 -16.63 -6.24
C VAL A 64 -0.93 -15.18 -5.77
N LEU A 65 0.07 -14.99 -4.88
CA LEU A 65 0.44 -13.69 -4.34
C LEU A 65 0.96 -12.69 -5.41
N ARG A 66 1.73 -13.19 -6.42
CA ARG A 66 2.28 -12.30 -7.46
C ARG A 66 1.20 -11.82 -8.46
N LYS A 67 -0.03 -12.37 -8.38
CA LYS A 67 -1.19 -11.97 -9.22
C LYS A 67 -1.95 -10.82 -8.55
N THR A 68 -1.53 -10.39 -7.32
CA THR A 68 -2.25 -9.35 -6.56
C THR A 68 -1.55 -8.01 -6.38
N ARG A 69 -2.24 -6.94 -6.78
CA ARG A 69 -1.86 -5.54 -6.59
C ARG A 69 -3.13 -4.76 -6.19
N HIS A 70 -3.43 -4.76 -4.87
CA HIS A 70 -4.60 -4.07 -4.33
C HIS A 70 -4.30 -3.56 -2.91
N VAL A 71 -4.85 -2.38 -2.56
CA VAL A 71 -4.68 -1.76 -1.24
C VAL A 71 -5.18 -2.66 -0.13
N ASN A 72 -6.25 -3.41 -0.36
CA ASN A 72 -6.83 -4.26 0.70
C ASN A 72 -6.37 -5.73 0.67
N ILE A 73 -5.26 -6.01 0.00
CA ILE A 73 -4.66 -7.35 -0.03
C ILE A 73 -3.22 -7.21 0.45
N LEU A 74 -2.79 -8.08 1.40
CA LEU A 74 -1.43 -8.12 1.96
C LEU A 74 -0.43 -7.94 0.81
N LEU A 75 0.50 -6.97 0.95
CA LEU A 75 1.41 -6.71 -0.13
C LEU A 75 2.55 -7.71 -0.24
N PHE A 76 2.51 -8.53 -1.30
CA PHE A 76 3.60 -9.45 -1.61
C PHE A 76 4.80 -8.59 -2.05
N MET A 77 6.01 -8.90 -1.57
CA MET A 77 7.20 -8.12 -1.97
C MET A 77 8.28 -8.94 -2.65
N GLY A 78 8.39 -10.20 -2.28
CA GLY A 78 9.37 -11.09 -2.89
C GLY A 78 9.43 -12.47 -2.28
N TYR A 79 10.39 -13.25 -2.69
CA TYR A 79 10.64 -14.60 -2.19
C TYR A 79 12.11 -14.88 -2.32
N SER A 80 12.60 -15.82 -1.52
CA SER A 80 13.98 -16.30 -1.51
C SER A 80 13.94 -17.80 -1.61
N THR A 81 14.95 -18.41 -2.26
CA THR A 81 15.04 -19.88 -2.37
C THR A 81 16.24 -20.46 -1.60
N LYS A 82 17.22 -19.58 -1.25
CA LYS A 82 18.48 -19.90 -0.55
C LYS A 82 18.71 -18.95 0.64
N PRO A 83 19.10 -19.43 1.86
CA PRO A 83 19.34 -20.84 2.25
C PRO A 83 18.06 -21.66 2.40
N GLN A 84 16.92 -20.99 2.63
CA GLN A 84 15.61 -21.62 2.75
C GLN A 84 14.58 -20.94 1.92
N LEU A 85 13.42 -21.60 1.70
CA LEU A 85 12.27 -21.05 0.97
C LEU A 85 11.65 -19.99 1.89
N ALA A 86 11.49 -18.77 1.37
CA ALA A 86 10.91 -17.69 2.15
C ALA A 86 9.98 -16.85 1.29
N ILE A 87 8.89 -16.37 1.90
CA ILE A 87 7.93 -15.46 1.24
C ILE A 87 7.98 -14.14 2.02
N VAL A 88 8.34 -13.07 1.32
CA VAL A 88 8.45 -11.74 1.91
C VAL A 88 7.23 -10.89 1.54
N THR A 89 6.57 -10.33 2.56
CA THR A 89 5.44 -9.43 2.40
C THR A 89 5.70 -8.15 3.20
N GLN A 90 4.77 -7.19 3.13
CA GLN A 90 4.82 -5.98 3.93
C GLN A 90 4.61 -6.39 5.42
N TRP A 91 5.03 -5.54 6.34
CA TRP A 91 4.79 -5.75 7.75
C TRP A 91 3.50 -5.03 8.11
N CYS A 92 2.52 -5.77 8.65
CA CYS A 92 1.27 -5.20 9.13
C CYS A 92 1.42 -4.74 10.57
N GLU A 93 0.90 -3.54 10.86
CA GLU A 93 0.97 -2.91 12.18
C GLU A 93 -0.38 -2.95 12.88
N GLY A 94 -0.42 -3.46 14.11
CA GLY A 94 -1.65 -3.59 14.87
C GLY A 94 -2.14 -5.02 15.03
N SER A 95 -3.46 -5.21 15.01
CA SER A 95 -4.03 -6.56 15.18
C SER A 95 -5.14 -6.87 14.16
N SER A 96 -5.63 -8.13 14.18
CA SER A 96 -6.69 -8.62 13.29
C SER A 96 -8.03 -8.08 13.75
N LEU A 97 -9.04 -8.13 12.84
CA LEU A 97 -10.39 -7.70 13.15
C LEU A 97 -10.99 -8.58 14.29
N TYR A 98 -10.69 -9.90 14.30
CA TYR A 98 -11.14 -10.81 15.37
C TYR A 98 -10.68 -10.28 16.73
N HIS A 99 -9.38 -9.94 16.86
CA HIS A 99 -8.81 -9.41 18.09
C HIS A 99 -9.52 -8.17 18.58
N HIS A 100 -9.87 -7.24 17.69
CA HIS A 100 -10.57 -5.99 18.00
C HIS A 100 -11.98 -6.22 18.50
N LEU A 101 -12.75 -7.03 17.76
CA LEU A 101 -14.14 -7.33 18.10
C LEU A 101 -14.31 -8.27 19.29
N HIS A 102 -13.54 -9.39 19.36
CA HIS A 102 -13.76 -10.46 20.35
C HIS A 102 -12.73 -10.62 21.45
N ALA A 103 -11.45 -10.27 21.25
CA ALA A 103 -10.45 -10.46 22.32
C ALA A 103 -10.28 -9.18 23.16
N SER A 104 -10.16 -8.06 22.47
CA SER A 104 -10.11 -6.74 23.07
C SER A 104 -11.58 -6.28 23.04
N GLU A 105 -11.87 -5.10 23.54
CA GLU A 105 -13.27 -4.68 23.53
C GLU A 105 -13.38 -3.34 22.81
N THR A 106 -12.54 -3.15 21.76
CA THR A 106 -12.51 -1.91 21.00
C THR A 106 -13.88 -1.69 20.34
N LYS A 107 -14.64 -0.80 20.97
CA LYS A 107 -15.99 -0.45 20.55
C LYS A 107 -15.94 0.55 19.38
N PHE A 108 -16.15 0.03 18.15
CA PHE A 108 -16.15 0.83 16.92
C PHE A 108 -17.52 1.46 16.69
N GLU A 109 -17.52 2.65 16.12
CA GLU A 109 -18.74 3.33 15.70
C GLU A 109 -19.21 2.68 14.38
N MET A 110 -20.53 2.71 14.12
CA MET A 110 -21.21 2.14 12.94
C MET A 110 -20.53 2.53 11.61
N LYS A 111 -20.07 3.80 11.51
CA LYS A 111 -19.33 4.36 10.37
C LYS A 111 -18.10 3.53 10.06
N LYS A 112 -17.33 3.18 11.11
CA LYS A 112 -16.10 2.42 11.00
C LYS A 112 -16.41 0.95 10.67
N LEU A 113 -17.45 0.39 11.30
CA LEU A 113 -17.87 -1.00 11.04
C LEU A 113 -18.15 -1.23 9.55
N ILE A 114 -18.97 -0.34 8.94
CA ILE A 114 -19.35 -0.33 7.53
C ILE A 114 -18.13 -0.12 6.62
N ASP A 115 -17.20 0.77 7.02
CA ASP A 115 -15.97 1.01 6.29
C ASP A 115 -15.09 -0.25 6.21
N ILE A 116 -14.98 -1.01 7.31
CA ILE A 116 -14.23 -2.27 7.39
C ILE A 116 -14.88 -3.27 6.42
N ALA A 117 -16.22 -3.35 6.44
CA ALA A 117 -17.03 -4.21 5.58
C ALA A 117 -16.86 -3.87 4.08
N ARG A 118 -16.73 -2.57 3.75
CA ARG A 118 -16.54 -1.98 2.41
C ARG A 118 -15.15 -2.32 1.88
N GLN A 119 -14.11 -2.06 2.71
CA GLN A 119 -12.72 -2.36 2.46
C GLN A 119 -12.52 -3.86 2.29
N THR A 120 -13.27 -4.71 3.03
CA THR A 120 -13.21 -6.17 2.89
C THR A 120 -13.88 -6.60 1.57
N ALA A 121 -15.04 -6.02 1.23
CA ALA A 121 -15.75 -6.29 -0.04
C ALA A 121 -14.90 -5.91 -1.25
N ARG A 122 -14.12 -4.81 -1.15
CA ARG A 122 -13.18 -4.36 -2.19
C ARG A 122 -12.11 -5.41 -2.45
N GLY A 123 -11.47 -5.88 -1.37
CA GLY A 123 -10.44 -6.91 -1.40
C GLY A 123 -10.93 -8.22 -1.98
N MET A 124 -12.11 -8.66 -1.49
CA MET A 124 -12.78 -9.89 -1.96
C MET A 124 -13.21 -9.81 -3.42
N ASP A 125 -13.78 -8.66 -3.83
CA ASP A 125 -14.19 -8.39 -5.20
C ASP A 125 -12.98 -8.44 -6.16
N TYR A 126 -11.84 -7.85 -5.75
CA TYR A 126 -10.63 -7.86 -6.53
C TYR A 126 -10.14 -9.32 -6.75
N LEU A 127 -10.07 -10.12 -5.65
CA LEU A 127 -9.64 -11.54 -5.67
C LEU A 127 -10.45 -12.36 -6.67
N HIS A 128 -11.79 -12.22 -6.62
CA HIS A 128 -12.71 -12.94 -7.47
C HIS A 128 -12.57 -12.56 -8.93
N ALA A 129 -12.32 -11.27 -9.21
CA ALA A 129 -12.07 -10.76 -10.55
C ALA A 129 -10.77 -11.38 -11.13
N LYS A 130 -9.78 -11.66 -10.24
CA LYS A 130 -8.49 -12.29 -10.59
C LYS A 130 -8.58 -13.85 -10.59
N SER A 131 -9.82 -14.40 -10.38
CA SER A 131 -10.17 -15.82 -10.31
C SER A 131 -9.46 -16.52 -9.14
N ILE A 132 -9.38 -15.81 -7.99
CA ILE A 132 -8.78 -16.32 -6.76
C ILE A 132 -9.86 -16.55 -5.67
N ILE A 133 -9.99 -17.77 -5.20
CA ILE A 133 -10.83 -18.07 -4.07
C ILE A 133 -9.93 -18.02 -2.86
N HIS A 134 -10.30 -17.24 -1.86
CA HIS A 134 -9.51 -17.16 -0.67
C HIS A 134 -9.42 -18.48 0.11
N ARG A 135 -10.57 -19.11 0.27
CA ARG A 135 -10.75 -20.41 0.86
C ARG A 135 -10.81 -20.40 2.36
N ASP A 136 -10.43 -19.31 3.02
CA ASP A 136 -10.43 -19.28 4.47
C ASP A 136 -10.73 -17.89 5.01
N LEU A 137 -11.70 -17.24 4.44
CA LEU A 137 -12.06 -15.88 4.87
C LEU A 137 -12.67 -15.93 6.28
N LYS A 138 -12.18 -15.08 7.18
CA LYS A 138 -12.59 -14.98 8.59
C LYS A 138 -11.96 -13.73 9.16
N SER A 139 -12.51 -13.21 10.27
CA SER A 139 -12.03 -12.00 10.94
C SER A 139 -10.56 -12.05 11.37
N ASN A 140 -10.03 -13.28 11.62
CA ASN A 140 -8.63 -13.51 12.01
C ASN A 140 -7.68 -13.29 10.81
N ASN A 141 -8.24 -13.27 9.58
CA ASN A 141 -7.51 -13.12 8.32
C ASN A 141 -7.69 -11.74 7.70
N ILE A 142 -8.35 -10.85 8.44
CA ILE A 142 -8.59 -9.46 8.06
C ILE A 142 -7.75 -8.67 9.03
N PHE A 143 -6.60 -8.19 8.57
CA PHE A 143 -5.74 -7.40 9.43
C PHE A 143 -6.17 -5.92 9.43
N LEU A 144 -6.21 -5.30 10.62
CA LEU A 144 -6.51 -3.86 10.70
C LEU A 144 -5.18 -3.09 10.82
N HIS A 145 -4.54 -2.89 9.65
CA HIS A 145 -3.26 -2.20 9.51
C HIS A 145 -3.37 -0.75 9.95
N GLU A 146 -2.57 -0.41 10.98
CA GLU A 146 -2.50 0.89 11.65
C GLU A 146 -3.90 1.33 12.16
N ASP A 147 -4.73 0.34 12.56
CA ASP A 147 -6.10 0.45 13.09
C ASP A 147 -7.09 1.08 12.09
N ASN A 148 -6.75 1.13 10.77
CA ASN A 148 -7.62 1.79 9.80
C ASN A 148 -7.81 1.09 8.45
N THR A 149 -6.72 0.62 7.83
CA THR A 149 -6.76 -0.03 6.51
C THR A 149 -6.84 -1.54 6.64
N VAL A 150 -7.83 -2.14 5.97
CA VAL A 150 -8.04 -3.59 5.93
C VAL A 150 -7.00 -4.19 4.99
N LYS A 151 -6.32 -5.25 5.45
CA LYS A 151 -5.36 -6.01 4.67
C LYS A 151 -5.76 -7.46 4.78
N ILE A 152 -6.38 -7.99 3.72
CA ILE A 152 -6.80 -9.39 3.67
C ILE A 152 -5.57 -10.22 3.32
N GLY A 153 -5.35 -11.28 4.09
CA GLY A 153 -4.28 -12.24 3.89
C GLY A 153 -4.79 -13.58 4.37
N ASP A 154 -3.90 -14.55 4.46
CA ASP A 154 -4.16 -15.88 5.00
C ASP A 154 -2.99 -16.06 5.98
N PHE A 155 -3.24 -15.68 7.24
CA PHE A 155 -2.25 -15.59 8.31
C PHE A 155 -2.01 -16.90 9.06
N GLY A 156 -2.76 -17.96 8.74
CA GLY A 156 -2.66 -19.27 9.36
C GLY A 156 -1.39 -20.04 9.07
N LEU A 157 -0.93 -20.84 10.06
CA LEU A 157 0.30 -21.63 9.96
C LEU A 157 0.13 -23.12 10.26
N ALA A 158 -0.88 -23.51 11.07
CA ALA A 158 -1.21 -24.89 11.48
C ALA A 158 -0.04 -25.66 12.13
N GLU A 171 -11.82 -30.69 13.25
CA GLU A 171 -10.87 -31.33 14.16
C GLU A 171 -9.59 -30.49 14.27
N GLN A 172 -8.95 -30.21 13.12
CA GLN A 172 -7.76 -29.36 12.97
C GLN A 172 -8.22 -27.99 12.45
N LEU A 173 -9.45 -27.96 11.88
CA LEU A 173 -10.12 -26.80 11.29
C LEU A 173 -11.08 -26.10 12.28
N SER A 174 -10.78 -26.20 13.60
CA SER A 174 -11.60 -25.63 14.68
C SER A 174 -11.69 -24.08 14.65
N GLY A 175 -10.64 -23.43 14.14
CA GLY A 175 -10.60 -21.98 14.03
C GLY A 175 -11.20 -21.42 12.76
N SER A 176 -11.85 -22.26 11.93
CA SER A 176 -12.46 -21.85 10.64
C SER A 176 -13.90 -22.32 10.43
N ILE A 177 -14.39 -23.27 11.26
CA ILE A 177 -15.73 -23.86 11.16
C ILE A 177 -16.87 -22.83 11.20
N LEU A 178 -16.74 -21.75 12.01
CA LEU A 178 -17.79 -20.70 12.14
C LEU A 178 -18.07 -19.96 10.83
N TRP A 179 -17.06 -19.88 9.96
CA TRP A 179 -17.12 -19.19 8.67
C TRP A 179 -17.38 -20.16 7.51
N MET A 180 -17.48 -21.48 7.79
CA MET A 180 -17.68 -22.52 6.79
C MET A 180 -19.11 -22.66 6.31
N ALA A 181 -19.30 -22.57 4.98
CA ALA A 181 -20.62 -22.73 4.36
C ALA A 181 -21.18 -24.14 4.58
N PRO A 182 -22.52 -24.30 4.60
CA PRO A 182 -23.11 -25.65 4.76
C PRO A 182 -22.51 -26.74 3.86
N GLU A 183 -22.25 -26.41 2.57
CA GLU A 183 -21.67 -27.34 1.58
C GLU A 183 -20.17 -27.59 1.84
N VAL A 184 -19.45 -26.61 2.47
CA VAL A 184 -18.02 -26.78 2.79
C VAL A 184 -17.89 -27.83 3.92
N ILE A 185 -18.72 -27.69 4.99
CA ILE A 185 -18.86 -28.60 6.13
C ILE A 185 -19.22 -30.03 5.67
N ARG A 186 -20.00 -30.17 4.62
CA ARG A 186 -20.32 -31.45 4.04
C ARG A 186 -19.26 -31.95 3.10
N MET A 187 -18.29 -31.11 2.74
CA MET A 187 -17.24 -31.48 1.81
C MET A 187 -17.85 -32.14 0.58
N GLN A 188 -18.77 -31.41 0.01
CA GLN A 188 -19.83 -31.93 -0.78
C GLN A 188 -19.40 -32.73 -1.98
N ASP A 189 -18.40 -32.29 -2.72
CA ASP A 189 -17.96 -33.08 -3.88
C ASP A 189 -16.49 -33.53 -3.85
N SER A 190 -15.96 -33.43 -2.65
CA SER A 190 -14.56 -33.40 -2.22
C SER A 190 -13.88 -32.13 -2.76
N ASN A 191 -14.69 -31.24 -3.40
CA ASN A 191 -14.30 -29.95 -3.97
C ASN A 191 -15.45 -28.96 -3.68
N PRO A 192 -15.64 -28.57 -2.41
CA PRO A 192 -16.77 -27.71 -2.05
C PRO A 192 -16.52 -26.19 -2.04
N TYR A 193 -15.27 -25.77 -2.36
CA TYR A 193 -14.82 -24.37 -2.36
C TYR A 193 -15.11 -23.65 -3.67
N SER A 194 -15.63 -22.42 -3.55
CA SER A 194 -16.03 -21.58 -4.67
C SER A 194 -16.17 -20.10 -4.25
N PHE A 195 -16.53 -19.24 -5.21
CA PHE A 195 -16.76 -17.83 -4.95
C PHE A 195 -17.91 -17.67 -3.94
N GLN A 196 -18.93 -18.56 -4.03
CA GLN A 196 -20.12 -18.60 -3.18
C GLN A 196 -19.79 -19.01 -1.73
N SER A 197 -18.84 -19.93 -1.51
CA SER A 197 -18.42 -20.31 -0.16
C SER A 197 -17.67 -19.15 0.53
N ASP A 198 -16.92 -18.33 -0.27
CA ASP A 198 -16.24 -17.11 0.17
C ASP A 198 -17.25 -16.02 0.56
N VAL A 199 -18.38 -15.93 -0.20
CA VAL A 199 -19.49 -15.01 0.07
C VAL A 199 -20.09 -15.37 1.42
N TYR A 200 -20.30 -16.70 1.69
CA TYR A 200 -20.83 -17.15 2.98
C TYR A 200 -19.96 -16.69 4.15
N ALA A 201 -18.63 -16.94 4.08
CA ALA A 201 -17.68 -16.51 5.11
C ALA A 201 -17.78 -14.99 5.38
N PHE A 202 -17.97 -14.18 4.29
CA PHE A 202 -18.14 -12.73 4.36
C PHE A 202 -19.43 -12.34 5.10
N GLY A 203 -20.49 -13.13 4.94
CA GLY A 203 -21.74 -12.95 5.66
C GLY A 203 -21.52 -13.11 7.15
N ILE A 204 -20.66 -14.09 7.55
CA ILE A 204 -20.26 -14.33 8.96
C ILE A 204 -19.41 -13.15 9.50
N VAL A 205 -18.51 -12.59 8.67
CA VAL A 205 -17.70 -11.43 9.07
C VAL A 205 -18.64 -10.22 9.31
N LEU A 206 -19.69 -10.08 8.45
CA LEU A 206 -20.70 -9.04 8.55
C LEU A 206 -21.51 -9.22 9.82
N TYR A 207 -21.81 -10.50 10.17
CA TYR A 207 -22.52 -10.84 11.40
C TYR A 207 -21.69 -10.33 12.58
N GLU A 208 -20.39 -10.69 12.61
CA GLU A 208 -19.45 -10.27 13.66
C GLU A 208 -19.41 -8.75 13.82
N LEU A 209 -19.35 -8.02 12.72
CA LEU A 209 -19.27 -6.57 12.72
C LEU A 209 -20.52 -5.93 13.26
N MET A 210 -21.72 -6.43 12.84
CA MET A 210 -23.03 -5.85 13.20
C MET A 210 -23.59 -6.29 14.54
N THR A 211 -23.17 -7.45 15.04
CA THR A 211 -23.63 -7.93 16.35
C THR A 211 -22.56 -7.64 17.40
N GLY A 212 -21.29 -7.71 17.01
CA GLY A 212 -20.14 -7.52 17.89
C GLY A 212 -19.68 -8.84 18.50
N GLN A 213 -20.35 -9.94 18.09
CA GLN A 213 -20.14 -11.28 18.61
C GLN A 213 -19.94 -12.32 17.52
N LEU A 214 -19.49 -13.52 17.93
CA LEU A 214 -19.32 -14.68 17.05
C LEU A 214 -20.68 -15.42 16.93
N PRO A 215 -21.01 -16.05 15.76
CA PRO A 215 -22.28 -16.80 15.69
C PRO A 215 -22.19 -18.08 16.53
N TYR A 216 -23.34 -18.58 17.05
CA TYR A 216 -23.45 -19.83 17.86
C TYR A 216 -22.68 -19.74 19.18
N SER A 217 -22.55 -18.52 19.75
CA SER A 217 -21.85 -18.31 21.01
C SER A 217 -22.51 -19.12 22.14
N ASN A 218 -23.86 -19.32 22.04
CA ASN A 218 -24.73 -20.07 22.95
CA ASN A 218 -24.65 -20.07 23.02
C ASN A 218 -24.51 -21.60 22.87
N ILE A 219 -24.04 -22.09 21.71
CA ILE A 219 -23.81 -23.53 21.47
C ILE A 219 -22.41 -23.92 21.95
N ASN A 220 -22.33 -24.92 22.84
CA ASN A 220 -21.09 -25.39 23.47
C ASN A 220 -20.25 -26.39 22.65
N ASN A 221 -20.89 -27.36 21.99
CA ASN A 221 -20.13 -28.36 21.25
C ASN A 221 -19.88 -27.98 19.78
N ARG A 222 -18.65 -28.22 19.30
CA ARG A 222 -18.21 -27.96 17.91
C ARG A 222 -18.83 -28.94 16.94
N ASP A 223 -18.98 -30.20 17.38
CA ASP A 223 -19.58 -31.29 16.61
C ASP A 223 -21.06 -31.01 16.39
N GLN A 224 -21.71 -30.30 17.34
CA GLN A 224 -23.11 -29.86 17.24
C GLN A 224 -23.23 -28.84 16.11
N ILE A 225 -22.29 -27.85 16.05
CA ILE A 225 -22.22 -26.83 15.01
C ILE A 225 -21.99 -27.50 13.65
N ILE A 226 -20.98 -28.39 13.53
CA ILE A 226 -20.65 -29.11 12.29
C ILE A 226 -21.87 -29.91 11.76
N GLU A 227 -22.52 -30.68 12.63
CA GLU A 227 -23.71 -31.45 12.28
C GLU A 227 -24.91 -30.56 11.86
N MET A 228 -25.34 -29.64 12.73
CA MET A 228 -26.50 -28.78 12.51
C MET A 228 -26.38 -27.81 11.31
N VAL A 229 -25.19 -27.20 11.07
CA VAL A 229 -24.97 -26.30 9.92
C VAL A 229 -25.04 -27.10 8.57
N GLY A 230 -24.37 -28.27 8.55
CA GLY A 230 -24.31 -29.19 7.42
C GLY A 230 -25.67 -29.71 7.00
N ARG A 231 -26.50 -30.08 7.99
CA ARG A 231 -27.88 -30.56 7.83
C ARG A 231 -28.86 -29.46 7.41
N GLY A 232 -28.53 -28.20 7.73
CA GLY A 232 -29.38 -27.03 7.49
C GLY A 232 -30.17 -26.65 8.73
N SER A 233 -30.01 -27.44 9.81
CA SER A 233 -30.65 -27.30 11.10
C SER A 233 -30.13 -26.10 11.94
N LEU A 234 -29.08 -25.35 11.45
CA LEU A 234 -28.48 -24.25 12.19
C LEU A 234 -27.97 -23.14 11.32
N SER A 235 -28.26 -21.89 11.73
CA SER A 235 -27.91 -20.63 11.07
C SER A 235 -27.77 -19.50 12.12
N PRO A 236 -26.97 -18.42 11.88
CA PRO A 236 -26.81 -17.39 12.92
C PRO A 236 -28.09 -16.64 13.31
N ASP A 237 -28.21 -16.25 14.61
CA ASP A 237 -29.35 -15.49 15.14
C ASP A 237 -29.21 -14.00 14.75
N LEU A 238 -29.93 -13.59 13.69
CA LEU A 238 -29.86 -12.24 13.16
C LEU A 238 -30.59 -11.16 14.01
N SER A 239 -31.28 -11.59 15.09
CA SER A 239 -31.94 -10.65 16.01
C SER A 239 -30.89 -10.03 16.94
N LYS A 240 -29.67 -10.62 16.97
CA LYS A 240 -28.54 -10.16 17.78
C LYS A 240 -27.85 -8.90 17.22
N VAL A 241 -28.22 -8.42 15.98
CA VAL A 241 -27.62 -7.20 15.37
C VAL A 241 -27.96 -5.97 16.22
N ARG A 242 -27.04 -4.99 16.31
CA ARG A 242 -27.29 -3.79 17.11
C ARG A 242 -28.41 -2.91 16.47
N SER A 243 -29.09 -2.09 17.29
CA SER A 243 -30.22 -1.26 16.86
C SER A 243 -29.90 -0.26 15.74
N ASN A 244 -28.64 0.18 15.60
CA ASN A 244 -28.26 1.13 14.56
C ASN A 244 -27.72 0.43 13.31
N CYS A 245 -27.90 -0.91 13.23
CA CYS A 245 -27.50 -1.66 12.04
C CYS A 245 -28.48 -1.28 10.90
N PRO A 246 -27.97 -0.72 9.78
CA PRO A 246 -28.88 -0.33 8.68
C PRO A 246 -29.68 -1.52 8.14
N LYS A 247 -30.92 -1.26 7.70
CA LYS A 247 -31.83 -2.28 7.12
C LYS A 247 -31.18 -3.05 5.93
N ARG A 248 -30.52 -2.32 5.01
CA ARG A 248 -29.81 -2.80 3.82
C ARG A 248 -28.71 -3.78 4.19
N MET A 249 -27.98 -3.51 5.29
CA MET A 249 -26.91 -4.37 5.77
C MET A 249 -27.47 -5.70 6.29
N LYS A 250 -28.57 -5.68 7.08
CA LYS A 250 -29.19 -6.87 7.64
C LYS A 250 -29.72 -7.80 6.51
N ARG A 251 -30.32 -7.21 5.43
CA ARG A 251 -30.83 -7.91 4.26
CA ARG A 251 -30.82 -7.96 4.28
C ARG A 251 -29.65 -8.56 3.50
N LEU A 252 -28.61 -7.75 3.19
CA LEU A 252 -27.39 -8.24 2.49
C LEU A 252 -26.70 -9.37 3.26
N MET A 253 -26.60 -9.25 4.60
CA MET A 253 -26.01 -10.27 5.45
C MET A 253 -26.81 -11.58 5.30
N ALA A 254 -28.16 -11.50 5.34
CA ALA A 254 -29.05 -12.64 5.17
C ALA A 254 -28.92 -13.25 3.76
N GLU A 255 -28.76 -12.40 2.73
CA GLU A 255 -28.54 -12.86 1.34
C GLU A 255 -27.20 -13.65 1.22
N CYS A 256 -26.12 -13.18 1.90
CA CYS A 256 -24.77 -13.78 1.94
C CYS A 256 -24.78 -15.11 2.65
N LEU A 257 -25.65 -15.28 3.65
CA LEU A 257 -25.72 -16.46 4.52
C LEU A 257 -26.70 -17.59 4.09
N LYS A 258 -27.47 -17.39 3.01
CA LYS A 258 -28.37 -18.40 2.48
C LYS A 258 -27.72 -19.81 2.36
N LYS A 259 -28.49 -20.88 2.60
CA LYS A 259 -28.00 -22.26 2.55
C LYS A 259 -27.64 -22.72 1.13
N LYS A 260 -28.51 -22.47 0.14
CA LYS A 260 -28.24 -22.76 -1.27
C LYS A 260 -27.27 -21.68 -1.80
N ARG A 261 -26.04 -22.10 -2.14
CA ARG A 261 -24.96 -21.22 -2.63
C ARG A 261 -25.32 -20.42 -3.90
N ASP A 262 -26.14 -20.99 -4.79
CA ASP A 262 -26.59 -20.31 -6.01
C ASP A 262 -27.57 -19.16 -5.72
N GLU A 263 -28.06 -19.04 -4.47
CA GLU A 263 -28.95 -17.97 -4.01
C GLU A 263 -28.15 -16.78 -3.44
N ARG A 264 -26.88 -17.02 -3.10
CA ARG A 264 -25.95 -16.03 -2.53
C ARG A 264 -25.55 -15.01 -3.60
N PRO A 265 -25.34 -13.72 -3.22
CA PRO A 265 -24.91 -12.76 -4.24
C PRO A 265 -23.43 -12.87 -4.57
N SER A 266 -23.02 -12.21 -5.64
CA SER A 266 -21.62 -12.13 -6.04
C SER A 266 -21.07 -10.85 -5.43
N PHE A 267 -19.72 -10.75 -5.32
CA PHE A 267 -19.09 -9.57 -4.71
C PHE A 267 -19.29 -8.25 -5.52
N PRO A 268 -19.38 -8.21 -6.89
CA PRO A 268 -19.66 -6.91 -7.54
C PRO A 268 -20.93 -6.25 -7.00
N ARG A 269 -21.97 -7.08 -6.76
CA ARG A 269 -23.26 -6.71 -6.17
C ARG A 269 -23.11 -6.41 -4.69
N ILE A 270 -22.29 -7.20 -3.96
CA ILE A 270 -22.08 -6.97 -2.53
C ILE A 270 -21.46 -5.59 -2.30
N LEU A 271 -20.33 -5.34 -3.00
CA LEU A 271 -19.57 -4.09 -2.90
C LEU A 271 -20.42 -2.85 -3.25
N ALA A 272 -21.15 -2.87 -4.39
CA ALA A 272 -22.05 -1.77 -4.82
C ALA A 272 -23.13 -1.50 -3.78
N GLU A 273 -23.59 -2.55 -3.08
CA GLU A 273 -24.60 -2.41 -2.04
C GLU A 273 -23.98 -1.76 -0.81
N ILE A 274 -22.73 -2.14 -0.47
CA ILE A 274 -22.01 -1.58 0.68
C ILE A 274 -21.60 -0.12 0.42
N GLU A 275 -21.05 0.16 -0.77
CA GLU A 275 -20.60 1.49 -1.17
C GLU A 275 -21.74 2.50 -1.19
N GLU A 276 -22.91 2.08 -1.73
CA GLU A 276 -24.11 2.89 -1.77
C GLU A 276 -24.61 3.18 -0.35
N LEU A 277 -24.45 2.22 0.56
CA LEU A 277 -24.84 2.32 1.97
C LEU A 277 -23.91 3.28 2.76
N ALA A 278 -22.57 3.20 2.48
CA ALA A 278 -21.53 4.02 3.12
C ALA A 278 -21.73 5.53 2.86
N ARG A 279 -22.08 5.88 1.62
CA ARG A 279 -22.35 7.26 1.19
C ARG A 279 -23.67 7.77 1.76
N GLU A 280 -24.68 6.89 1.91
CA GLU A 280 -26.00 7.20 2.50
C GLU A 280 -25.89 7.49 4.00
N LEU A 281 -24.79 7.06 4.63
CA LEU A 281 -24.53 7.28 6.05
C LEU A 281 -23.64 8.53 6.27
N SER A 282 -22.73 8.83 5.33
CA SER A 282 -21.83 9.99 5.40
C SER A 282 -21.62 10.61 4.03
N ASP B 14 -2.59 -11.14 -16.23
CA ASP B 14 -1.55 -10.12 -16.12
C ASP B 14 -2.14 -8.76 -15.64
N TRP B 15 -1.61 -7.62 -16.14
CA TRP B 15 -2.08 -6.35 -15.59
C TRP B 15 -2.93 -5.53 -16.54
N GLU B 16 -3.21 -6.04 -17.77
CA GLU B 16 -4.10 -5.34 -18.70
C GLU B 16 -5.56 -5.42 -18.22
N ILE B 17 -6.19 -4.26 -18.03
CA ILE B 17 -7.57 -4.15 -17.56
C ILE B 17 -8.52 -4.05 -18.77
N PRO B 18 -9.44 -5.01 -18.94
CA PRO B 18 -10.40 -4.95 -20.07
C PRO B 18 -11.28 -3.71 -20.11
N ASP B 19 -11.75 -3.36 -21.32
CA ASP B 19 -12.59 -2.20 -21.61
C ASP B 19 -13.93 -2.30 -20.88
N GLY B 20 -14.36 -1.17 -20.30
CA GLY B 20 -15.62 -1.05 -19.58
C GLY B 20 -15.58 -1.41 -18.10
N GLN B 21 -14.41 -1.82 -17.59
CA GLN B 21 -14.26 -2.17 -16.18
C GLN B 21 -14.08 -0.97 -15.30
N ILE B 22 -13.25 -0.01 -15.70
CA ILE B 22 -12.96 1.20 -14.94
C ILE B 22 -14.04 2.25 -15.16
N THR B 23 -14.55 2.81 -14.07
CA THR B 23 -15.54 3.88 -14.12
C THR B 23 -14.76 5.15 -13.86
N VAL B 24 -14.44 5.88 -14.93
CA VAL B 24 -13.69 7.14 -14.87
C VAL B 24 -14.60 8.22 -14.31
N GLY B 25 -14.21 8.76 -13.17
CA GLY B 25 -14.99 9.79 -12.50
C GLY B 25 -14.42 11.18 -12.69
N GLN B 26 -14.37 11.94 -11.58
CA GLN B 26 -13.89 13.32 -11.48
C GLN B 26 -12.44 13.56 -12.00
N ARG B 27 -12.26 14.64 -12.77
CA ARG B 27 -10.97 15.09 -13.31
C ARG B 27 -10.25 15.82 -12.16
N ILE B 28 -9.08 15.27 -11.73
CA ILE B 28 -8.27 15.79 -10.62
C ILE B 28 -7.27 16.83 -11.10
N GLY B 29 -6.54 16.49 -12.16
CA GLY B 29 -5.55 17.36 -12.75
C GLY B 29 -5.30 17.04 -14.20
N SER B 30 -4.71 17.99 -14.88
CA SER B 30 -4.43 17.90 -16.29
C SER B 30 -3.20 18.67 -16.71
N GLY B 31 -2.58 18.19 -17.77
CA GLY B 31 -1.39 18.78 -18.28
C GLY B 31 -1.16 18.41 -19.71
N SER B 32 -0.05 18.86 -20.24
CA SER B 32 0.32 18.47 -21.57
C SER B 32 0.44 16.97 -21.57
N PHE B 33 -0.14 16.32 -22.57
CA PHE B 33 -0.10 14.87 -22.66
C PHE B 33 -0.97 14.07 -21.64
N GLY B 34 -0.81 14.31 -20.34
CA GLY B 34 -1.51 13.51 -19.35
C GLY B 34 -2.56 14.13 -18.47
N THR B 35 -3.71 13.46 -18.37
CA THR B 35 -4.83 13.84 -17.48
C THR B 35 -5.17 12.76 -16.44
N VAL B 36 -5.29 13.14 -15.18
CA VAL B 36 -5.58 12.21 -14.08
C VAL B 36 -7.03 12.34 -13.60
N TYR B 37 -7.64 11.20 -13.24
CA TYR B 37 -9.01 11.09 -12.76
C TYR B 37 -9.12 10.21 -11.54
N LYS B 38 -10.17 10.41 -10.73
CA LYS B 38 -10.51 9.51 -9.63
C LYS B 38 -11.52 8.55 -10.26
N GLY B 39 -11.37 7.25 -10.01
CA GLY B 39 -12.27 6.26 -10.59
C GLY B 39 -12.70 5.12 -9.70
N LYS B 40 -13.45 4.20 -10.28
CA LYS B 40 -13.89 2.99 -9.58
C LYS B 40 -13.49 1.73 -10.36
N TRP B 41 -12.75 0.85 -9.65
CA TRP B 41 -12.30 -0.47 -10.12
C TRP B 41 -11.86 -1.26 -8.89
N HIS B 42 -12.82 -2.06 -8.32
CA HIS B 42 -12.70 -2.90 -7.11
C HIS B 42 -12.36 -1.99 -5.90
N GLY B 43 -12.98 -0.81 -5.89
CA GLY B 43 -12.77 0.23 -4.89
C GLY B 43 -12.26 1.51 -5.52
N ASP B 44 -11.62 2.37 -4.72
CA ASP B 44 -11.08 3.67 -5.18
C ASP B 44 -9.80 3.50 -5.97
N VAL B 45 -9.68 4.20 -7.10
CA VAL B 45 -8.47 4.17 -7.94
C VAL B 45 -8.20 5.54 -8.55
N ALA B 46 -6.98 5.75 -9.04
CA ALA B 46 -6.57 6.93 -9.80
C ALA B 46 -6.20 6.42 -11.19
N VAL B 47 -6.68 7.10 -12.21
CA VAL B 47 -6.49 6.73 -13.61
C VAL B 47 -5.80 7.89 -14.30
N LYS B 48 -4.73 7.60 -15.04
CA LYS B 48 -4.00 8.61 -15.80
C LYS B 48 -4.18 8.26 -17.25
N MET B 49 -4.89 9.10 -17.99
CA MET B 49 -5.18 8.95 -19.42
C MET B 49 -4.07 9.63 -20.21
N LEU B 50 -3.51 8.97 -21.23
CA LEU B 50 -2.48 9.60 -22.06
C LEU B 50 -2.99 9.73 -23.50
N THR B 51 -2.38 10.66 -24.28
CA THR B 51 -2.69 10.87 -25.70
C THR B 51 -2.15 9.65 -26.51
N PRO B 52 -2.79 9.25 -27.65
CA PRO B 52 -2.26 8.08 -28.39
C PRO B 52 -0.81 8.23 -28.89
N GLN B 53 -0.36 9.47 -29.04
CA GLN B 53 1.00 9.86 -29.45
C GLN B 53 2.05 9.58 -28.34
N GLN B 54 1.59 9.42 -27.08
CA GLN B 54 2.42 9.14 -25.91
C GLN B 54 2.59 7.65 -25.60
N LEU B 55 2.45 6.77 -26.64
CA LEU B 55 2.54 5.31 -26.51
C LEU B 55 3.85 4.80 -25.89
N GLN B 56 5.01 5.28 -26.40
CA GLN B 56 6.31 4.86 -25.88
C GLN B 56 6.46 5.24 -24.42
N ALA B 57 6.15 6.51 -24.08
CA ALA B 57 6.18 7.03 -22.72
C ALA B 57 5.31 6.18 -21.79
N PHE B 58 4.10 5.80 -22.26
CA PHE B 58 3.13 4.96 -21.55
C PHE B 58 3.77 3.60 -21.21
N LYS B 59 4.33 2.92 -22.24
CA LYS B 59 5.04 1.64 -22.12
C LYS B 59 6.22 1.72 -21.15
N ASN B 60 6.98 2.83 -21.18
CA ASN B 60 8.12 3.03 -20.27
C ASN B 60 7.66 3.25 -18.85
N GLU B 61 6.53 3.95 -18.67
CA GLU B 61 5.99 4.21 -17.35
C GLU B 61 5.36 2.95 -16.75
N VAL B 62 4.68 2.13 -17.58
CA VAL B 62 4.09 0.89 -17.09
C VAL B 62 5.25 -0.07 -16.71
N GLY B 63 6.28 -0.15 -17.55
CA GLY B 63 7.47 -0.96 -17.34
C GLY B 63 8.19 -0.71 -16.02
N VAL B 64 8.37 0.58 -15.65
CA VAL B 64 9.00 1.00 -14.39
C VAL B 64 8.09 0.69 -13.17
N LEU B 65 6.79 1.05 -13.27
CA LEU B 65 5.81 0.84 -12.23
C LEU B 65 5.56 -0.63 -11.88
N ARG B 66 5.57 -1.56 -12.90
CA ARG B 66 5.33 -2.99 -12.65
C ARG B 66 6.53 -3.68 -11.97
N LYS B 67 7.68 -2.97 -11.83
CA LYS B 67 8.89 -3.46 -11.14
C LYS B 67 8.81 -3.14 -9.63
N THR B 68 7.77 -2.40 -9.18
CA THR B 68 7.65 -1.97 -7.78
C THR B 68 6.55 -2.59 -6.94
N ARG B 69 6.96 -3.15 -5.79
CA ARG B 69 6.11 -3.71 -4.75
C ARG B 69 6.69 -3.28 -3.38
N HIS B 70 6.30 -2.08 -2.92
CA HIS B 70 6.78 -1.53 -1.64
C HIS B 70 5.71 -0.64 -1.01
N VAL B 71 5.60 -0.66 0.33
CA VAL B 71 4.64 0.16 1.09
C VAL B 71 4.81 1.65 0.81
N ASN B 72 6.04 2.13 0.63
CA ASN B 72 6.28 3.55 0.43
C ASN B 72 6.41 3.98 -1.04
N ILE B 73 5.93 3.16 -1.97
CA ILE B 73 5.89 3.50 -3.40
C ILE B 73 4.43 3.38 -3.87
N LEU B 74 3.92 4.40 -4.60
CA LEU B 74 2.56 4.44 -5.15
C LEU B 74 2.23 3.07 -5.73
N LEU B 75 1.09 2.49 -5.33
CA LEU B 75 0.78 1.16 -5.79
C LEU B 75 0.22 1.12 -7.21
N PHE B 76 1.02 0.58 -8.13
CA PHE B 76 0.56 0.34 -9.51
C PHE B 76 -0.49 -0.78 -9.45
N MET B 77 -1.61 -0.65 -10.17
CA MET B 77 -2.65 -1.71 -10.16
C MET B 77 -2.95 -2.30 -11.54
N GLY B 78 -2.79 -1.51 -12.57
CA GLY B 78 -3.01 -1.98 -13.93
C GLY B 78 -2.91 -0.91 -15.00
N TYR B 79 -3.34 -1.27 -16.19
CA TYR B 79 -3.32 -0.40 -17.36
C TYR B 79 -4.36 -0.85 -18.34
N SER B 80 -4.73 0.04 -19.26
CA SER B 80 -5.66 -0.20 -20.38
C SER B 80 -5.10 0.47 -21.62
N THR B 81 -5.42 -0.07 -22.78
CA THR B 81 -4.98 0.46 -24.07
C THR B 81 -6.18 0.84 -24.93
N LYS B 82 -7.39 0.44 -24.49
CA LYS B 82 -8.66 0.69 -25.20
C LYS B 82 -9.73 1.24 -24.23
N PRO B 83 -10.47 2.34 -24.55
CA PRO B 83 -10.39 3.17 -25.76
C PRO B 83 -9.16 4.08 -25.81
N GLN B 84 -8.57 4.38 -24.64
CA GLN B 84 -7.35 5.18 -24.53
C GLN B 84 -6.33 4.52 -23.62
N LEU B 85 -5.04 4.94 -23.70
CA LEU B 85 -3.94 4.42 -22.85
C LEU B 85 -4.17 4.93 -21.42
N ALA B 86 -4.32 4.03 -20.45
CA ALA B 86 -4.62 4.40 -19.08
C ALA B 86 -3.73 3.69 -18.09
N ILE B 87 -3.17 4.42 -17.09
CA ILE B 87 -2.36 3.81 -16.02
C ILE B 87 -3.19 3.90 -14.73
N VAL B 88 -3.52 2.75 -14.16
CA VAL B 88 -4.31 2.65 -12.95
C VAL B 88 -3.43 2.40 -11.72
N THR B 89 -3.54 3.25 -10.71
CA THR B 89 -2.85 3.11 -9.43
C THR B 89 -3.87 3.17 -8.28
N GLN B 90 -3.39 3.00 -7.04
CA GLN B 90 -4.21 3.16 -5.86
C GLN B 90 -4.61 4.67 -5.76
N TRP B 91 -5.69 4.95 -5.02
CA TRP B 91 -6.10 6.31 -4.77
C TRP B 91 -5.44 6.75 -3.47
N CYS B 92 -4.67 7.85 -3.50
CA CYS B 92 -4.06 8.43 -2.31
C CYS B 92 -5.02 9.40 -1.66
N GLU B 93 -5.16 9.30 -0.33
CA GLU B 93 -6.04 10.15 0.46
C GLU B 93 -5.24 11.21 1.25
N GLY B 94 -5.62 12.47 1.09
CA GLY B 94 -4.95 13.58 1.76
C GLY B 94 -4.16 14.48 0.81
N SER B 95 -3.02 14.98 1.26
CA SER B 95 -2.18 15.86 0.44
C SER B 95 -0.68 15.49 0.48
N SER B 96 0.13 16.19 -0.35
CA SER B 96 1.58 15.98 -0.47
C SER B 96 2.27 16.59 0.75
N LEU B 97 3.54 16.18 0.99
CA LEU B 97 4.35 16.71 2.06
C LEU B 97 4.59 18.22 1.86
N TYR B 98 4.78 18.69 0.60
CA TYR B 98 4.94 20.11 0.29
C TYR B 98 3.75 20.91 0.81
N HIS B 99 2.52 20.44 0.52
CA HIS B 99 1.29 21.07 0.98
C HIS B 99 1.23 21.22 2.49
N HIS B 100 1.61 20.19 3.24
CA HIS B 100 1.61 20.17 4.69
C HIS B 100 2.62 21.14 5.30
N LEU B 101 3.87 21.09 4.83
CA LEU B 101 4.93 21.98 5.31
C LEU B 101 4.81 23.44 4.85
N HIS B 102 4.54 23.70 3.56
CA HIS B 102 4.57 25.06 3.00
C HIS B 102 3.24 25.72 2.72
N ALA B 103 2.26 25.03 2.11
CA ALA B 103 0.96 25.64 1.78
C ALA B 103 0.03 25.72 2.96
N SER B 104 0.06 24.72 3.79
CA SER B 104 -0.57 24.89 5.06
C SER B 104 0.44 25.25 6.11
N GLU B 105 0.04 25.03 7.34
CA GLU B 105 0.97 25.18 8.41
C GLU B 105 0.79 23.97 9.31
N THR B 106 0.95 22.79 8.74
CA THR B 106 0.68 21.57 9.49
C THR B 106 1.94 21.41 10.27
N LYS B 107 1.89 21.72 11.56
CA LYS B 107 3.10 21.63 12.33
C LYS B 107 3.26 20.30 13.06
N PHE B 108 4.15 19.50 12.49
CA PHE B 108 4.44 18.17 12.93
C PHE B 108 5.38 18.19 14.09
N GLU B 109 5.27 17.23 14.95
CA GLU B 109 6.23 17.00 16.02
C GLU B 109 7.46 16.31 15.38
N MET B 110 8.64 16.51 15.97
CA MET B 110 9.94 15.99 15.55
C MET B 110 9.90 14.47 15.25
N LYS B 111 9.16 13.69 16.07
CA LYS B 111 8.91 12.25 15.93
C LYS B 111 8.33 11.94 14.55
N LYS B 112 7.33 12.73 14.12
CA LYS B 112 6.64 12.55 12.87
C LYS B 112 7.53 12.99 11.70
N LEU B 113 8.27 14.10 11.87
CA LEU B 113 9.20 14.60 10.84
C LEU B 113 10.22 13.52 10.44
N ILE B 114 10.85 12.90 11.45
CA ILE B 114 11.84 11.83 11.32
C ILE B 114 11.22 10.58 10.69
N ASP B 115 9.99 10.24 11.09
CA ASP B 115 9.25 9.11 10.52
C ASP B 115 9.02 9.29 9.02
N ILE B 116 8.64 10.51 8.59
CA ILE B 116 8.42 10.85 7.17
C ILE B 116 9.75 10.66 6.42
N ALA B 117 10.87 11.11 7.01
CA ALA B 117 12.20 10.96 6.43
C ALA B 117 12.61 9.48 6.33
N ARG B 118 12.28 8.69 7.36
CA ARG B 118 12.55 7.26 7.46
C ARG B 118 11.75 6.47 6.39
N GLN B 119 10.45 6.80 6.24
CA GLN B 119 9.59 6.19 5.24
C GLN B 119 10.04 6.59 3.81
N THR B 120 10.51 7.84 3.62
CA THR B 120 11.03 8.31 2.34
C THR B 120 12.36 7.60 2.01
N ALA B 121 13.30 7.46 3.00
CA ALA B 121 14.57 6.72 2.78
C ALA B 121 14.32 5.24 2.42
N ARG B 122 13.27 4.62 3.03
CA ARG B 122 12.87 3.24 2.72
C ARG B 122 12.46 3.11 1.25
N GLY B 123 11.59 4.00 0.80
CA GLY B 123 11.09 4.07 -0.57
C GLY B 123 12.19 4.29 -1.58
N MET B 124 13.08 5.27 -1.28
CA MET B 124 14.25 5.61 -2.09
C MET B 124 15.26 4.49 -2.17
N ASP B 125 15.54 3.84 -1.03
CA ASP B 125 16.44 2.68 -0.93
C ASP B 125 15.91 1.50 -1.77
N TYR B 126 14.59 1.24 -1.72
CA TYR B 126 13.96 0.19 -2.51
C TYR B 126 14.16 0.45 -4.01
N LEU B 127 13.84 1.70 -4.47
CA LEU B 127 13.98 2.13 -5.87
C LEU B 127 15.38 1.90 -6.42
N HIS B 128 16.41 2.32 -5.64
CA HIS B 128 17.80 2.19 -6.00
C HIS B 128 18.24 0.73 -6.09
N ALA B 129 17.73 -0.13 -5.19
CA ALA B 129 17.98 -1.57 -5.21
C ALA B 129 17.40 -2.21 -6.50
N LYS B 130 16.28 -1.65 -6.99
CA LYS B 130 15.61 -2.08 -8.23
C LYS B 130 16.21 -1.38 -9.50
N SER B 131 17.28 -0.58 -9.31
CA SER B 131 18.02 0.19 -10.32
C SER B 131 17.12 1.26 -10.97
N ILE B 132 16.25 1.89 -10.16
CA ILE B 132 15.35 2.96 -10.56
C ILE B 132 15.79 4.31 -9.97
N ILE B 133 16.24 5.21 -10.82
CA ILE B 133 16.50 6.56 -10.43
C ILE B 133 15.21 7.32 -10.55
N HIS B 134 14.80 7.97 -9.49
CA HIS B 134 13.58 8.73 -9.52
C HIS B 134 13.54 9.91 -10.49
N ARG B 135 14.59 10.71 -10.51
CA ARG B 135 14.81 11.78 -11.46
C ARG B 135 14.19 13.09 -11.05
N ASP B 136 13.22 13.04 -10.16
CA ASP B 136 12.50 14.24 -9.75
C ASP B 136 11.93 14.16 -8.36
N LEU B 137 12.74 13.81 -7.39
CA LEU B 137 12.26 13.72 -6.04
C LEU B 137 12.13 15.09 -5.37
N LYS B 138 10.99 15.34 -4.83
CA LYS B 138 10.66 16.62 -4.21
C LYS B 138 9.48 16.37 -3.27
N SER B 139 9.29 17.24 -2.26
CA SER B 139 8.19 17.15 -1.29
C SER B 139 6.80 17.05 -1.96
N ASN B 140 6.66 17.60 -3.19
CA ASN B 140 5.40 17.58 -3.98
C ASN B 140 5.11 16.15 -4.51
N ASN B 141 6.14 15.27 -4.52
CA ASN B 141 6.09 13.89 -5.01
C ASN B 141 6.09 12.86 -3.90
N ILE B 142 5.98 13.34 -2.66
CA ILE B 142 5.90 12.53 -1.45
C ILE B 142 4.49 12.75 -0.97
N PHE B 143 3.61 11.78 -1.20
CA PHE B 143 2.25 11.90 -0.75
C PHE B 143 2.11 11.42 0.70
N LEU B 144 1.37 12.19 1.53
CA LEU B 144 1.08 11.77 2.89
C LEU B 144 -0.31 11.10 2.94
N HIS B 145 -0.33 9.82 2.53
CA HIS B 145 -1.53 8.98 2.49
C HIS B 145 -2.14 8.78 3.86
N GLU B 146 -3.39 9.25 4.01
CA GLU B 146 -4.20 9.26 5.23
C GLU B 146 -3.45 9.98 6.39
N ASP B 147 -2.64 11.01 6.03
CA ASP B 147 -1.83 11.86 6.90
C ASP B 147 -0.74 11.07 7.68
N ASN B 148 -0.39 9.83 7.26
CA ASN B 148 0.56 9.01 8.01
C ASN B 148 1.59 8.22 7.19
N THR B 149 1.16 7.53 6.12
CA THR B 149 2.05 6.70 5.30
C THR B 149 2.55 7.47 4.09
N VAL B 150 3.88 7.50 3.90
CA VAL B 150 4.54 8.13 2.77
C VAL B 150 4.34 7.23 1.54
N LYS B 151 3.92 7.82 0.43
CA LYS B 151 3.77 7.15 -0.87
C LYS B 151 4.53 7.98 -1.87
N ILE B 152 5.71 7.50 -2.26
CA ILE B 152 6.54 8.20 -3.26
C ILE B 152 5.99 7.82 -4.64
N GLY B 153 5.79 8.84 -5.46
CA GLY B 153 5.32 8.70 -6.84
C GLY B 153 5.89 9.84 -7.62
N ASP B 154 5.37 10.07 -8.81
CA ASP B 154 5.73 11.19 -9.66
C ASP B 154 4.39 11.71 -10.18
N PHE B 155 3.91 12.77 -9.52
CA PHE B 155 2.57 13.33 -9.70
C PHE B 155 2.51 14.45 -10.71
N GLY B 156 3.62 14.65 -11.39
CA GLY B 156 3.73 15.66 -12.43
C GLY B 156 3.02 15.26 -13.70
N LEU B 157 2.24 16.18 -14.23
CA LEU B 157 1.58 16.00 -15.51
C LEU B 157 2.12 16.88 -16.63
N ALA B 158 3.14 17.66 -16.34
CA ALA B 158 3.64 18.71 -17.24
C ALA B 158 4.37 18.41 -18.56
N THR B 159 5.27 17.45 -18.57
CA THR B 159 6.09 17.15 -19.74
C THR B 159 6.81 18.35 -20.33
N VAL B 160 7.36 19.24 -19.52
CA VAL B 160 8.04 20.40 -20.11
C VAL B 160 9.58 20.58 -20.01
N LYS B 161 10.14 20.79 -21.20
CA LYS B 161 11.48 20.47 -21.60
C LYS B 161 11.67 20.70 -23.12
N SER B 162 12.78 20.18 -23.61
CA SER B 162 12.99 20.10 -25.03
C SER B 162 12.81 18.65 -25.42
N ARG B 163 11.90 18.37 -26.32
CA ARG B 163 11.81 17.02 -26.81
C ARG B 163 13.00 16.65 -27.65
N TRP B 164 13.38 17.57 -28.53
CA TRP B 164 14.62 17.59 -29.32
C TRP B 164 15.82 18.30 -28.63
N SER B 165 15.66 18.85 -27.42
CA SER B 165 16.77 19.58 -26.84
C SER B 165 17.69 18.71 -25.98
N GLY B 166 18.91 18.49 -26.48
CA GLY B 166 19.94 17.77 -25.73
C GLY B 166 20.36 18.51 -24.49
N SER B 167 20.49 19.82 -24.62
CA SER B 167 20.79 20.71 -23.49
C SER B 167 19.56 21.58 -23.34
N HIS B 168 19.02 21.64 -22.13
CA HIS B 168 17.70 22.20 -21.96
C HIS B 168 17.13 22.65 -20.59
N GLN B 169 15.99 23.36 -20.60
CA GLN B 169 15.39 24.58 -20.08
C GLN B 169 14.84 24.67 -18.67
N PHE B 170 15.04 25.78 -17.97
CA PHE B 170 14.66 25.98 -16.59
C PHE B 170 13.39 26.82 -16.39
N GLU B 171 12.88 27.24 -17.50
CA GLU B 171 11.67 28.05 -17.64
C GLU B 171 10.42 27.14 -17.58
N GLN B 172 10.62 25.80 -17.66
CA GLN B 172 9.60 24.76 -17.60
C GLN B 172 9.88 23.77 -16.44
N LEU B 173 11.07 23.91 -15.80
CA LEU B 173 11.49 23.09 -14.66
C LEU B 173 11.52 23.92 -13.36
N SER B 174 10.68 24.99 -13.28
CA SER B 174 10.62 25.91 -12.12
C SER B 174 10.19 25.24 -10.80
N GLY B 175 9.37 24.20 -10.89
CA GLY B 175 8.88 23.44 -9.74
C GLY B 175 9.79 22.32 -9.27
N SER B 176 11.03 22.21 -9.85
CA SER B 176 11.99 21.15 -9.52
C SER B 176 13.42 21.64 -9.26
N ILE B 177 13.75 22.90 -9.62
CA ILE B 177 15.09 23.50 -9.50
C ILE B 177 15.64 23.48 -8.05
N LEU B 178 14.79 23.68 -7.03
CA LEU B 178 15.21 23.69 -5.61
C LEU B 178 15.82 22.37 -5.15
N TRP B 179 15.40 21.27 -5.77
CA TRP B 179 15.82 19.90 -5.47
C TRP B 179 16.91 19.40 -6.42
N MET B 180 17.30 20.23 -7.42
CA MET B 180 18.29 19.88 -8.44
C MET B 180 19.73 19.98 -7.98
N ALA B 181 20.49 18.88 -8.12
CA ALA B 181 21.91 18.84 -7.75
C ALA B 181 22.73 19.79 -8.61
N PRO B 182 23.87 20.30 -8.09
CA PRO B 182 24.72 21.20 -8.90
C PRO B 182 25.04 20.69 -10.31
N GLU B 183 25.35 19.37 -10.46
CA GLU B 183 25.67 18.73 -11.74
C GLU B 183 24.42 18.54 -12.63
N VAL B 184 23.20 18.45 -12.02
CA VAL B 184 21.95 18.34 -12.78
C VAL B 184 21.68 19.67 -13.49
N ILE B 185 21.80 20.79 -12.75
CA ILE B 185 21.67 22.15 -13.28
C ILE B 185 22.68 22.39 -14.42
N ARG B 186 23.93 21.92 -14.25
CA ARG B 186 24.97 22.08 -15.28
C ARG B 186 24.71 21.20 -16.50
N MET B 187 23.83 20.15 -16.37
CA MET B 187 23.49 19.15 -17.41
C MET B 187 24.79 18.61 -18.05
N GLN B 188 25.85 18.59 -17.22
CA GLN B 188 27.18 18.16 -17.61
C GLN B 188 27.16 16.72 -18.05
N ASP B 189 27.54 16.54 -19.34
CA ASP B 189 27.67 15.29 -20.12
C ASP B 189 26.33 14.86 -20.74
N SER B 190 25.26 15.67 -20.56
CA SER B 190 23.87 15.40 -21.00
C SER B 190 23.33 14.15 -20.27
N ASN B 191 24.18 13.56 -19.38
CA ASN B 191 23.94 12.40 -18.51
C ASN B 191 24.17 12.88 -17.03
N PRO B 192 23.34 13.79 -16.51
CA PRO B 192 23.60 14.28 -15.15
C PRO B 192 22.83 13.53 -14.04
N TYR B 193 21.82 12.69 -14.40
CA TYR B 193 20.96 11.94 -13.46
C TYR B 193 21.58 10.63 -12.99
N SER B 194 21.55 10.41 -11.66
CA SER B 194 22.14 9.23 -11.02
C SER B 194 21.49 8.95 -9.65
N PHE B 195 22.01 7.95 -8.92
CA PHE B 195 21.58 7.66 -7.56
C PHE B 195 21.98 8.83 -6.65
N GLN B 196 23.15 9.45 -6.93
CA GLN B 196 23.72 10.59 -6.21
C GLN B 196 22.90 11.88 -6.37
N SER B 197 22.33 12.13 -7.56
CA SER B 197 21.47 13.30 -7.77
C SER B 197 20.14 13.16 -6.99
N ASP B 198 19.65 11.91 -6.85
CA ASP B 198 18.47 11.55 -6.05
C ASP B 198 18.75 11.76 -4.54
N VAL B 199 20.00 11.44 -4.10
CA VAL B 199 20.45 11.64 -2.71
C VAL B 199 20.42 13.14 -2.43
N TYR B 200 20.90 13.99 -3.38
CA TYR B 200 20.86 15.44 -3.23
C TYR B 200 19.43 15.97 -3.01
N ALA B 201 18.48 15.58 -3.87
CA ALA B 201 17.07 15.97 -3.74
C ALA B 201 16.51 15.58 -2.33
N PHE B 202 16.92 14.39 -1.81
CA PHE B 202 16.53 13.91 -0.49
C PHE B 202 17.09 14.79 0.64
N GLY B 203 18.30 15.34 0.43
CA GLY B 203 18.92 16.29 1.37
C GLY B 203 18.08 17.54 1.47
N ILE B 204 17.52 18.01 0.31
CA ILE B 204 16.61 19.18 0.25
C ILE B 204 15.26 18.86 0.96
N VAL B 205 14.73 17.64 0.80
CA VAL B 205 13.49 17.22 1.49
C VAL B 205 13.74 17.24 3.01
N LEU B 206 14.94 16.77 3.45
CA LEU B 206 15.38 16.76 4.84
C LEU B 206 15.48 18.19 5.36
N TYR B 207 16.00 19.11 4.51
CA TYR B 207 16.10 20.52 4.86
C TYR B 207 14.69 21.04 5.16
N GLU B 208 13.73 20.79 4.23
CA GLU B 208 12.33 21.20 4.36
C GLU B 208 11.71 20.71 5.66
N LEU B 209 11.94 19.44 6.01
CA LEU B 209 11.39 18.81 7.19
C LEU B 209 11.95 19.41 8.48
N MET B 210 13.27 19.65 8.53
CA MET B 210 13.96 20.14 9.73
C MET B 210 13.92 21.64 9.94
N THR B 211 13.74 22.43 8.87
CA THR B 211 13.64 23.88 8.98
C THR B 211 12.19 24.30 8.95
N GLY B 212 11.37 23.58 8.18
CA GLY B 212 9.95 23.87 7.97
C GLY B 212 9.74 24.78 6.78
N GLN B 213 10.84 25.13 6.09
CA GLN B 213 10.86 26.05 4.97
C GLN B 213 11.57 25.49 3.73
N LEU B 214 11.40 26.19 2.60
CA LEU B 214 12.08 25.88 1.33
C LEU B 214 13.49 26.53 1.34
N PRO B 215 14.53 25.92 0.70
CA PRO B 215 15.84 26.59 0.67
C PRO B 215 15.80 27.81 -0.27
N TYR B 216 16.65 28.83 -0.01
CA TYR B 216 16.78 30.07 -0.82
C TYR B 216 15.51 30.91 -0.82
N SER B 217 14.73 30.84 0.28
CA SER B 217 13.48 31.59 0.40
C SER B 217 13.75 33.11 0.30
N ASN B 218 14.94 33.56 0.74
CA ASN B 218 15.34 34.96 0.68
C ASN B 218 15.80 35.42 -0.72
N ILE B 219 16.14 34.48 -1.63
CA ILE B 219 16.56 34.79 -2.99
C ILE B 219 15.33 34.89 -3.89
N ASN B 220 15.17 36.04 -4.58
CA ASN B 220 14.02 36.32 -5.44
C ASN B 220 14.12 35.80 -6.88
N ASN B 221 15.31 35.83 -7.50
CA ASN B 221 15.44 35.40 -8.90
C ASN B 221 15.82 33.92 -9.10
N ARG B 222 15.03 33.19 -9.93
CA ARG B 222 15.24 31.78 -10.24
C ARG B 222 16.54 31.54 -10.98
N ASP B 223 16.87 32.49 -11.88
CA ASP B 223 18.10 32.47 -12.67
C ASP B 223 19.31 32.65 -11.77
N GLN B 224 19.15 33.37 -10.63
CA GLN B 224 20.19 33.56 -9.63
C GLN B 224 20.47 32.21 -8.96
N ILE B 225 19.41 31.46 -8.58
CA ILE B 225 19.49 30.13 -7.99
C ILE B 225 20.19 29.17 -8.97
N ILE B 226 19.71 29.10 -10.23
CA ILE B 226 20.28 28.23 -11.28
C ILE B 226 21.78 28.50 -11.48
N GLU B 227 22.16 29.76 -11.63
CA GLU B 227 23.55 30.16 -11.80
C GLU B 227 24.44 29.84 -10.57
N MET B 228 24.05 30.34 -9.37
CA MET B 228 24.82 30.19 -8.14
C MET B 228 24.96 28.74 -7.64
N VAL B 229 23.91 27.89 -7.75
CA VAL B 229 23.98 26.47 -7.36
C VAL B 229 24.94 25.67 -8.31
N GLY B 230 24.80 25.90 -9.62
CA GLY B 230 25.61 25.32 -10.69
C GLY B 230 27.08 25.62 -10.56
N ARG B 231 27.42 26.89 -10.25
CA ARG B 231 28.77 27.40 -10.04
C ARG B 231 29.40 26.91 -8.72
N GLY B 232 28.55 26.55 -7.75
CA GLY B 232 28.96 26.13 -6.40
C GLY B 232 28.88 27.28 -5.42
N SER B 233 28.50 28.47 -5.91
CA SER B 233 28.36 29.73 -5.19
C SER B 233 27.13 29.79 -4.26
N LEU B 234 26.26 28.73 -4.23
CA LEU B 234 25.05 28.70 -3.43
C LEU B 234 24.67 27.33 -2.92
N SER B 235 24.30 27.27 -1.63
CA SER B 235 23.91 26.06 -0.89
C SER B 235 22.91 26.44 0.24
N PRO B 236 22.03 25.52 0.71
CA PRO B 236 21.04 25.92 1.74
C PRO B 236 21.63 26.35 3.08
N ASP B 237 20.99 27.34 3.74
CA ASP B 237 21.40 27.85 5.07
C ASP B 237 20.97 26.85 6.18
N LEU B 238 21.92 26.02 6.63
CA LEU B 238 21.65 24.97 7.62
C LEU B 238 21.49 25.49 9.06
N SER B 239 21.69 26.82 9.29
CA SER B 239 21.48 27.43 10.61
C SER B 239 19.97 27.62 10.85
N LYS B 240 19.16 27.49 9.77
CA LYS B 240 17.71 27.62 9.80
C LYS B 240 16.99 26.40 10.42
N VAL B 241 17.71 25.26 10.73
CA VAL B 241 17.11 24.05 11.33
C VAL B 241 16.57 24.36 12.71
N ARG B 242 15.45 23.74 13.11
CA ARG B 242 14.88 23.99 14.44
C ARG B 242 15.78 23.45 15.57
N SER B 243 15.67 24.02 16.78
CA SER B 243 16.52 23.67 17.93
C SER B 243 16.46 22.18 18.36
N ASN B 244 15.35 21.48 18.09
CA ASN B 244 15.22 20.08 18.47
C ASN B 244 15.62 19.14 17.32
N CYS B 245 16.25 19.68 16.24
CA CYS B 245 16.74 18.86 15.16
C CYS B 245 17.95 18.06 15.68
N PRO B 246 17.90 16.72 15.66
CA PRO B 246 19.02 15.93 16.18
C PRO B 246 20.33 16.23 15.43
N LYS B 247 21.47 16.19 16.15
CA LYS B 247 22.82 16.42 15.62
C LYS B 247 23.14 15.50 14.40
N ARG B 248 22.81 14.19 14.50
CA ARG B 248 22.97 13.15 13.48
C ARG B 248 22.23 13.51 12.18
N MET B 249 21.02 14.07 12.29
CA MET B 249 20.18 14.51 11.19
C MET B 249 20.79 15.69 10.44
N LYS B 250 21.36 16.68 11.15
CA LYS B 250 21.99 17.86 10.56
C LYS B 250 23.28 17.47 9.79
N ARG B 251 24.08 16.52 10.33
CA ARG B 251 25.29 15.97 9.72
C ARG B 251 24.91 15.19 8.43
N LEU B 252 23.92 14.26 8.53
CA LEU B 252 23.43 13.48 7.39
C LEU B 252 22.90 14.38 6.26
N MET B 253 22.14 15.43 6.61
CA MET B 253 21.59 16.39 5.65
C MET B 253 22.74 17.05 4.91
N ALA B 254 23.79 17.50 5.63
CA ALA B 254 25.00 18.12 5.06
C ALA B 254 25.76 17.13 4.16
N GLU B 255 25.84 15.83 4.56
CA GLU B 255 26.46 14.79 3.76
C GLU B 255 25.72 14.58 2.42
N CYS B 256 24.35 14.60 2.44
CA CYS B 256 23.43 14.45 1.29
C CYS B 256 23.55 15.61 0.32
N LEU B 257 23.85 16.82 0.83
CA LEU B 257 23.88 18.07 0.07
C LEU B 257 25.23 18.48 -0.53
N LYS B 258 26.30 17.71 -0.27
CA LYS B 258 27.65 17.96 -0.79
C LYS B 258 27.66 18.20 -2.31
N LYS B 259 28.52 19.14 -2.77
CA LYS B 259 28.63 19.51 -4.18
C LYS B 259 29.16 18.38 -5.06
N LYS B 260 30.25 17.72 -4.62
CA LYS B 260 30.82 16.57 -5.33
C LYS B 260 29.92 15.34 -5.02
N ARG B 261 29.21 14.83 -6.05
CA ARG B 261 28.28 13.70 -5.94
C ARG B 261 28.90 12.41 -5.38
N ASP B 262 30.17 12.15 -5.68
CA ASP B 262 30.89 10.97 -5.17
C ASP B 262 31.17 11.04 -3.66
N GLU B 263 30.94 12.22 -3.02
CA GLU B 263 31.08 12.45 -1.57
C GLU B 263 29.75 12.20 -0.84
N ARG B 264 28.64 12.20 -1.57
CA ARG B 264 27.29 11.98 -1.06
C ARG B 264 27.11 10.51 -0.63
N PRO B 265 26.33 10.22 0.44
CA PRO B 265 26.16 8.82 0.83
C PRO B 265 25.13 8.10 -0.05
N SER B 266 25.08 6.79 0.08
CA SER B 266 24.11 5.96 -0.62
C SER B 266 22.94 5.78 0.34
N PHE B 267 21.75 5.41 -0.21
CA PHE B 267 20.54 5.21 0.58
C PHE B 267 20.65 4.03 1.61
N PRO B 268 21.36 2.88 1.39
CA PRO B 268 21.46 1.87 2.48
C PRO B 268 21.99 2.49 3.77
N ARG B 269 22.99 3.38 3.64
CA ARG B 269 23.64 4.13 4.72
C ARG B 269 22.72 5.21 5.23
N ILE B 270 21.99 5.89 4.31
CA ILE B 270 21.06 6.98 4.68
C ILE B 270 19.99 6.37 5.58
N LEU B 271 19.44 5.23 5.12
CA LEU B 271 18.40 4.49 5.80
C LEU B 271 18.86 4.05 7.19
N ALA B 272 20.05 3.43 7.28
CA ALA B 272 20.65 2.91 8.52
C ALA B 272 20.85 4.00 9.58
N GLU B 273 21.30 5.19 9.15
CA GLU B 273 21.50 6.35 10.01
C GLU B 273 20.15 6.86 10.54
N ILE B 274 19.12 6.98 9.67
CA ILE B 274 17.77 7.46 10.08
C ILE B 274 17.06 6.43 11.00
N GLU B 275 17.06 5.14 10.62
CA GLU B 275 16.44 4.09 11.43
C GLU B 275 17.01 4.03 12.85
N GLU B 276 18.35 4.09 12.98
CA GLU B 276 18.99 4.11 14.29
C GLU B 276 18.60 5.39 15.05
N LEU B 277 18.49 6.52 14.32
CA LEU B 277 18.09 7.81 14.90
C LEU B 277 16.63 7.77 15.43
N ALA B 278 15.73 7.16 14.67
CA ALA B 278 14.32 7.03 15.06
C ALA B 278 14.18 6.28 16.39
N ARG B 279 14.82 5.11 16.50
CA ARG B 279 14.82 4.27 17.71
C ARG B 279 15.52 4.97 18.90
N GLU B 280 16.50 5.84 18.59
CA GLU B 280 17.27 6.67 19.55
C GLU B 280 16.39 7.78 20.15
N LEU B 281 15.25 8.07 19.50
CA LEU B 281 14.26 9.08 19.90
C LEU B 281 13.02 8.43 20.55
N SER B 282 12.63 7.20 20.08
CA SER B 282 11.48 6.40 20.53
C SER B 282 10.15 7.11 20.25
C1 B1E C . 2.30 -11.08 9.64
C2 B1E C . 2.45 -9.90 8.84
C3 B1E C . 2.48 -10.00 7.44
C4 B1E C . 2.40 -11.24 6.87
C5 B1E C . 2.23 -12.41 7.63
C6 B1E C . 2.16 -12.33 9.02
C7 B1E C . 2.11 -10.90 11.10
N8 B1E C . 2.07 -9.62 11.58
C9 B1E C . 2.32 -8.56 10.74
N10 B1E C . 2.51 -8.67 9.45
O11 B1E C . 1.88 -11.88 11.79
N12 B1E C . 2.11 -13.68 7.04
C13 B1E C . 2.38 -14.02 5.70
C14 B1E C . 3.69 -14.03 5.16
C15 B1E C . 3.91 -14.49 3.86
C16 B1E C . 2.86 -14.96 3.10
C17 B1E C . 1.56 -15.00 3.62
C18 B1E C . 1.32 -14.54 4.94
C19 B1E C . 4.90 -13.53 5.92
N20 B1E C . 0.56 -15.44 2.74
C21 B1E C . -0.75 -15.10 2.63
C22 B1E C . -1.55 -15.73 1.54
O23 B1E C . -1.30 -14.39 3.45
C24 B1E C . -2.67 -15.07 0.95
C25 B1E C . -3.45 -15.69 -0.02
C26 B1E C . -3.08 -16.98 -0.43
C27 B1E C . -2.00 -17.65 0.15
C28 B1E C . -1.26 -17.03 1.13
C29 B1E C . -4.65 -14.99 -0.65
C30 B1E C . -5.10 -13.85 0.15
C31 B1E C . -4.29 -14.44 -2.03
C32 B1E C . -5.83 -15.93 -0.84
C33 B1E C . 1.81 -9.34 12.99
N34 B1E C . -5.45 -12.94 0.74
C1 PEG D . 18.37 -4.62 2.39
O1 PEG D . 19.40 -5.34 3.06
C2 PEG D . 18.09 -3.30 3.07
O2 PEG D . 17.61 -3.51 4.39
C3 PEG D . 17.24 -2.30 5.03
C4 PEG D . 16.14 -2.56 5.99
O4 PEG D . 15.54 -1.37 6.47
C1 B1E E . -3.19 11.02 -7.68
C2 B1E E . -3.39 9.80 -6.97
C3 B1E E . -2.73 8.64 -7.39
C4 B1E E . -1.93 8.68 -8.53
C5 B1E E . -1.74 9.87 -9.25
C6 B1E E . -2.35 11.04 -8.81
C7 B1E E . -3.77 12.26 -7.12
N8 B1E E . -4.37 12.18 -5.88
C9 B1E E . -4.56 10.95 -5.30
N10 B1E E . -4.14 9.83 -5.83
O11 B1E E . -3.59 13.32 -7.70
N12 B1E E . -0.94 9.95 -10.40
C13 B1E E . -0.45 8.85 -11.14
C14 B1E E . -1.27 7.95 -11.88
C15 B1E E . -0.69 6.92 -12.64
C16 B1E E . 0.68 6.79 -12.69
C17 B1E E . 1.50 7.68 -11.98
C18 B1E E . 0.94 8.72 -11.22
C19 B1E E . -2.77 7.99 -11.87
N20 B1E E . 2.89 7.51 -12.12
C21 B1E E . 3.86 7.68 -11.20
C22 B1E E . 5.23 7.38 -11.61
O23 B1E E . 3.62 8.01 -10.05
C24 B1E E . 6.18 6.92 -10.67
C25 B1E E . 7.47 6.64 -11.03
C26 B1E E . 7.81 6.71 -12.39
C27 B1E E . 6.89 7.17 -13.34
C28 B1E E . 5.60 7.51 -12.95
C29 B1E E . 8.47 6.14 -9.99
C30 B1E E . 8.18 6.64 -8.63
C31 B1E E . 9.90 6.61 -10.29
C32 B1E E . 8.45 4.61 -9.96
C33 B1E E . -4.93 13.37 -5.23
N34 B1E E . 7.98 6.98 -7.57
C1 PEG F . -14.71 -4.07 -12.72
O1 PEG F . -15.41 -5.17 -13.31
C2 PEG F . -15.61 -3.15 -11.92
O2 PEG F . -14.99 -2.81 -10.67
C3 PEG F . -15.88 -2.81 -9.56
C4 PEG F . -16.19 -1.41 -9.11
O4 PEG F . -15.38 -0.99 -8.01
#